data_2YC3
#
_entry.id   2YC3
#
_cell.length_a   74.600
_cell.length_b   74.600
_cell.length_c   220.500
_cell.angle_alpha   90.00
_cell.angle_beta   90.00
_cell.angle_gamma   120.00
#
_symmetry.space_group_name_H-M   'H 3 2'
#
loop_
_entity.id
_entity.type
_entity.pdbx_description
1 polymer '2-C-METHYL-D-ERYTHRITOL 4-PHOSPHATE CYTIDYLYLTRANSFERASE, CHLOROPLASTIC'
2 non-polymer 6-benzyl-5-chloro[1,2,4]triazolo[1,5-a]pyrimidin-7(3H)-one
3 non-polymer 'SODIUM ION'
4 non-polymer 'COPPER (II) ION'
5 non-polymer 'CADMIUM ION'
6 water water
#
_entity_poly.entity_id   1
_entity_poly.type   'polypeptide(L)'
_entity_poly.pdbx_seq_one_letter_code
;MEKSVSVILLAGGQGKRMKMSMPKQYIPLLGQPIALYSFFTFSRMPEVKEIVVVCDPFFRDIFEEYEESIDVDLSFAIPG
KERQDSVYSGLQEIDVNSELVCIHDSARPLVNTEDVEKVLKDGSAVGAAVLGVPAKATIKEVNSDSLVVKTLDRKTLWEM
QTPQVIKPELLKKGFELVKSEGLEVTDDVSIVEYLKHPVYVSQGSYTNIKVTTPDDLLLAERILSEDS
;
_entity_poly.pdbx_strand_id   A
#
loop_
_chem_comp.id
_chem_comp.type
_chem_comp.name
_chem_comp.formula
CD non-polymer 'CADMIUM ION' 'Cd 2'
CU non-polymer 'COPPER (II) ION' 'Cu 2'
MW5 non-polymer 6-benzyl-5-chloro[1,2,4]triazolo[1,5-a]pyrimidin-7(3H)-one 'C12 H9 Cl N4 O'
NA non-polymer 'SODIUM ION' 'Na 1'
#
# COMPACT_ATOMS: atom_id res chain seq x y z
N MET A 1 -13.41 -9.80 -10.83
CA MET A 1 -14.28 -10.72 -9.99
C MET A 1 -14.70 -10.00 -8.73
N GLU A 2 -16.02 -9.93 -8.54
CA GLU A 2 -16.63 -9.33 -7.38
C GLU A 2 -16.21 -10.07 -6.11
N LYS A 3 -15.95 -9.28 -5.08
CA LYS A 3 -15.60 -9.78 -3.79
C LYS A 3 -14.50 -10.82 -3.85
N SER A 4 -13.46 -10.54 -4.60
CA SER A 4 -12.33 -11.39 -4.67
C SER A 4 -11.05 -10.86 -3.94
N VAL A 5 -11.07 -9.61 -3.63
CA VAL A 5 -9.89 -8.96 -3.09
C VAL A 5 -10.03 -8.64 -1.64
N SER A 6 -9.01 -8.94 -0.90
CA SER A 6 -8.87 -8.45 0.45
C SER A 6 -7.92 -7.30 0.55
N VAL A 7 -8.26 -6.21 1.15
CA VAL A 7 -7.42 -5.09 1.37
C VAL A 7 -6.81 -5.18 2.73
N ILE A 8 -5.51 -4.92 2.83
CA ILE A 8 -4.85 -4.65 4.09
C ILE A 8 -4.50 -3.24 4.13
N LEU A 9 -5.20 -2.47 5.02
CA LEU A 9 -5.02 -1.08 5.14
C LEU A 9 -4.05 -0.78 6.30
N LEU A 10 -2.87 -0.26 5.95
CA LEU A 10 -1.83 -0.05 6.94
C LEU A 10 -2.05 1.29 7.57
N ALA A 11 -2.43 1.22 8.85
CA ALA A 11 -2.75 2.44 9.61
C ALA A 11 -2.11 2.39 11.03
N GLY A 12 -0.98 1.74 11.15
CA GLY A 12 -0.27 1.54 12.45
C GLY A 12 0.87 2.48 12.73
N GLY A 13 1.19 3.41 11.84
CA GLY A 13 2.28 4.39 12.13
C GLY A 13 1.98 5.37 13.29
N GLN A 14 3.05 5.88 13.94
CA GLN A 14 2.93 6.62 15.22
C GLN A 14 3.74 7.95 15.32
N GLY A 15 3.01 9.06 15.51
CA GLY A 15 3.59 10.40 15.58
C GLY A 15 4.69 10.52 16.60
N PRO A 23 -1.10 10.98 15.07
CA PRO A 23 -0.51 10.34 13.88
C PRO A 23 -1.13 10.88 12.62
N LYS A 24 -0.31 11.08 11.59
CA LYS A 24 -0.68 11.84 10.45
C LYS A 24 -1.85 11.18 9.72
N GLN A 25 -1.96 9.87 9.76
CA GLN A 25 -3.00 9.21 9.04
C GLN A 25 -4.38 9.38 9.63
N TYR A 26 -4.46 9.95 10.84
CA TYR A 26 -5.75 10.25 11.45
C TYR A 26 -6.05 11.75 11.42
N ILE A 27 -5.13 12.57 11.00
CA ILE A 27 -5.40 14.00 10.84
C ILE A 27 -6.40 14.26 9.72
N PRO A 28 -7.39 15.15 9.88
CA PRO A 28 -8.34 15.35 8.77
C PRO A 28 -7.86 16.16 7.55
N LEU A 29 -8.52 15.85 6.43
CA LEU A 29 -8.50 16.59 5.22
C LEU A 29 -10.01 16.85 5.02
N LEU A 30 -10.42 18.12 4.96
CA LEU A 30 -11.86 18.43 4.74
C LEU A 30 -12.78 17.73 5.72
N GLY A 31 -12.26 17.68 6.96
CA GLY A 31 -12.92 17.10 8.06
C GLY A 31 -12.96 15.66 8.23
N GLN A 32 -12.24 14.92 7.35
CA GLN A 32 -12.33 13.50 7.47
C GLN A 32 -10.89 12.97 7.69
N PRO A 33 -10.72 12.10 8.68
CA PRO A 33 -9.38 11.54 8.93
C PRO A 33 -8.83 10.98 7.62
N ILE A 34 -7.57 11.31 7.37
CA ILE A 34 -6.87 10.81 6.17
C ILE A 34 -7.10 9.32 5.93
N ALA A 35 -7.04 8.41 6.89
CA ALA A 35 -7.17 6.96 6.68
C ALA A 35 -8.49 6.59 6.04
N LEU A 36 -9.51 7.39 6.31
CA LEU A 36 -10.83 7.00 5.83
C LEU A 36 -10.96 7.22 4.34
N TYR A 37 -10.20 8.13 3.75
CA TYR A 37 -10.30 8.37 2.31
C TYR A 37 -10.07 7.08 1.50
N SER A 38 -8.92 6.47 1.73
CA SER A 38 -8.66 5.25 0.91
C SER A 38 -9.57 4.13 1.36
N PHE A 39 -9.90 4.06 2.66
CA PHE A 39 -10.79 3.08 3.20
C PHE A 39 -12.12 3.07 2.37
N PHE A 40 -12.67 4.26 2.19
CA PHE A 40 -13.93 4.39 1.45
C PHE A 40 -13.78 4.10 -0.02
N THR A 41 -12.65 4.51 -0.58
CA THR A 41 -12.35 4.20 -2.01
C THR A 41 -12.42 2.69 -2.17
N PHE A 42 -11.74 1.93 -1.33
CA PHE A 42 -11.75 0.50 -1.45
C PHE A 42 -13.14 -0.09 -1.19
N SER A 43 -13.82 0.46 -0.17
CA SER A 43 -15.10 -0.16 0.24
C SER A 43 -16.10 -0.14 -0.87
N ARG A 44 -16.06 0.86 -1.70
CA ARG A 44 -17.07 1.02 -2.75
C ARG A 44 -16.80 0.13 -3.97
N MET A 45 -15.59 -0.38 -4.06
CA MET A 45 -15.25 -1.18 -5.23
C MET A 45 -15.87 -2.56 -5.14
N PRO A 46 -16.61 -3.02 -6.14
CA PRO A 46 -17.24 -4.36 -6.05
C PRO A 46 -16.24 -5.49 -5.87
N GLU A 47 -15.01 -5.32 -6.43
CA GLU A 47 -13.97 -6.26 -6.30
C GLU A 47 -13.60 -6.58 -4.81
N VAL A 48 -13.73 -5.56 -3.99
CA VAL A 48 -13.20 -5.65 -2.64
C VAL A 48 -14.27 -6.29 -1.73
N LYS A 49 -13.81 -7.38 -1.16
CA LYS A 49 -14.68 -8.22 -0.24
C LYS A 49 -14.53 -7.74 1.18
N GLU A 50 -13.31 -7.39 1.56
CA GLU A 50 -13.01 -7.16 2.94
C GLU A 50 -11.88 -6.21 3.06
N ILE A 51 -11.81 -5.45 4.17
CA ILE A 51 -10.74 -4.59 4.54
C ILE A 51 -10.28 -5.01 5.93
N VAL A 52 -9.03 -5.45 6.03
CA VAL A 52 -8.33 -5.65 7.27
C VAL A 52 -7.58 -4.41 7.60
N VAL A 53 -8.00 -3.65 8.61
CA VAL A 53 -7.33 -2.48 9.03
C VAL A 53 -6.29 -2.88 10.07
N VAL A 54 -5.08 -2.46 9.84
CA VAL A 54 -3.98 -2.69 10.82
C VAL A 54 -3.78 -1.39 11.52
N CYS A 55 -4.23 -1.37 12.79
CA CYS A 55 -4.14 -0.12 13.55
C CYS A 55 -4.13 -0.43 15.04
N ASP A 56 -3.59 0.50 15.77
CA ASP A 56 -3.67 0.42 17.22
C ASP A 56 -5.11 0.40 17.64
N PRO A 57 -5.48 -0.51 18.56
CA PRO A 57 -6.86 -0.53 19.12
C PRO A 57 -7.49 0.82 19.42
N PHE A 58 -6.69 1.80 19.82
CA PHE A 58 -7.17 3.12 20.13
C PHE A 58 -7.95 3.73 18.98
N PHE A 59 -7.59 3.40 17.74
CA PHE A 59 -8.19 4.10 16.60
C PHE A 59 -9.23 3.28 15.91
N ARG A 60 -9.48 2.07 16.34
CA ARG A 60 -10.48 1.26 15.71
C ARG A 60 -11.81 1.90 15.42
N ASP A 61 -12.29 2.69 16.37
CA ASP A 61 -13.61 3.30 16.22
C ASP A 61 -13.72 4.19 15.03
N ILE A 62 -12.63 4.72 14.59
CA ILE A 62 -12.60 5.54 13.39
C ILE A 62 -13.19 4.81 12.19
N PHE A 63 -12.87 3.53 12.11
CA PHE A 63 -13.32 2.68 11.03
C PHE A 63 -14.60 1.96 11.38
N GLU A 64 -14.74 1.46 12.64
CA GLU A 64 -15.91 0.63 13.04
C GLU A 64 -17.21 1.46 12.93
N GLU A 65 -17.10 2.75 13.07
CA GLU A 65 -18.28 3.60 12.95
C GLU A 65 -19.02 3.38 11.64
N TYR A 66 -18.25 3.14 10.59
CA TYR A 66 -18.82 2.92 9.28
C TYR A 66 -19.11 1.50 8.88
N GLU A 67 -18.87 0.52 9.75
CA GLU A 67 -19.06 -0.84 9.41
C GLU A 67 -20.36 -1.23 8.77
N GLU A 68 -21.50 -0.71 9.25
CA GLU A 68 -22.72 -1.19 8.64
C GLU A 68 -23.04 -0.44 7.35
N SER A 69 -22.33 0.67 7.10
CA SER A 69 -22.53 1.50 5.94
C SER A 69 -21.70 1.15 4.72
N ILE A 70 -20.71 0.34 4.93
CA ILE A 70 -19.76 -0.01 3.85
C ILE A 70 -20.06 -1.37 3.33
N ASP A 71 -19.81 -1.57 2.02
CA ASP A 71 -20.11 -2.85 1.41
C ASP A 71 -18.85 -3.78 1.37
N VAL A 72 -18.24 -3.92 2.54
CA VAL A 72 -17.17 -4.86 2.75
C VAL A 72 -17.28 -5.36 4.18
N ASP A 73 -16.62 -6.48 4.43
CA ASP A 73 -16.38 -6.95 5.78
C ASP A 73 -15.21 -6.18 6.33
N LEU A 74 -15.24 -5.87 7.60
CA LEU A 74 -14.22 -5.15 8.28
C LEU A 74 -13.65 -6.04 9.33
N SER A 75 -12.35 -6.06 9.33
CA SER A 75 -11.55 -6.82 10.34
C SER A 75 -10.38 -5.94 10.75
N PHE A 76 -9.76 -6.28 11.90
CA PHE A 76 -8.65 -5.53 12.44
C PHE A 76 -7.48 -6.49 12.71
N ALA A 77 -6.30 -5.91 12.60
CA ALA A 77 -5.10 -6.60 13.03
C ALA A 77 -4.24 -5.60 13.76
N ILE A 78 -3.36 -6.20 14.62
CA ILE A 78 -2.49 -5.40 15.41
C ILE A 78 -1.24 -5.03 14.66
N PRO A 79 -0.78 -3.77 14.71
CA PRO A 79 0.48 -3.40 14.09
C PRO A 79 1.65 -4.17 14.66
N GLY A 80 2.61 -4.42 13.79
CA GLY A 80 3.90 -4.93 14.21
C GLY A 80 4.91 -3.87 14.30
N LYS A 81 6.17 -4.30 14.50
CA LYS A 81 7.21 -3.28 14.71
C LYS A 81 7.60 -2.48 13.49
N GLU A 82 7.71 -3.17 12.36
N GLU A 82 7.74 -3.17 12.36
CA GLU A 82 8.10 -2.54 11.12
CA GLU A 82 8.13 -2.54 11.11
C GLU A 82 6.91 -2.73 10.16
C GLU A 82 6.93 -2.75 10.15
N ARG A 83 6.94 -1.99 9.06
CA ARG A 83 5.83 -2.04 8.12
C ARG A 83 5.53 -3.47 7.66
N GLN A 84 6.59 -4.22 7.29
CA GLN A 84 6.39 -5.60 6.88
C GLN A 84 5.75 -6.53 7.86
N ASP A 85 5.98 -6.24 9.16
CA ASP A 85 5.34 -6.96 10.25
C ASP A 85 3.83 -6.66 10.37
N SER A 86 3.52 -5.43 10.08
CA SER A 86 2.13 -4.97 9.98
C SER A 86 1.41 -5.64 8.80
N VAL A 87 2.13 -5.71 7.66
CA VAL A 87 1.61 -6.47 6.54
C VAL A 87 1.30 -7.89 6.96
N TYR A 88 2.27 -8.56 7.64
CA TYR A 88 2.09 -9.95 7.95
C TYR A 88 0.90 -10.16 8.94
N SER A 89 0.75 -9.23 9.86
CA SER A 89 -0.34 -9.26 10.83
C SER A 89 -1.69 -9.18 10.13
N GLY A 90 -1.77 -8.30 9.12
CA GLY A 90 -3.00 -8.17 8.36
C GLY A 90 -3.22 -9.38 7.57
N LEU A 91 -2.14 -9.93 6.98
CA LEU A 91 -2.26 -11.06 6.16
C LEU A 91 -2.91 -12.29 6.90
N GLN A 92 -2.67 -12.39 8.21
CA GLN A 92 -3.20 -13.52 8.94
C GLN A 92 -4.72 -13.41 9.13
N GLU A 93 -5.28 -12.22 8.89
CA GLU A 93 -6.72 -11.99 9.01
C GLU A 93 -7.55 -12.04 7.78
N ILE A 94 -6.90 -12.15 6.62
CA ILE A 94 -7.70 -12.16 5.40
C ILE A 94 -8.43 -13.48 5.17
N ASP A 95 -9.44 -13.50 4.33
CA ASP A 95 -10.19 -14.66 4.01
C ASP A 95 -9.35 -15.80 3.56
N VAL A 96 -9.67 -17.02 3.95
CA VAL A 96 -8.95 -18.22 3.55
C VAL A 96 -9.01 -18.46 2.02
N ASN A 97 -9.92 -17.83 1.29
CA ASN A 97 -9.95 -18.06 -0.16
C ASN A 97 -9.83 -16.74 -0.95
N SER A 98 -9.32 -15.61 -0.41
CA SER A 98 -9.32 -14.41 -1.30
C SER A 98 -8.21 -14.66 -2.33
N GLU A 99 -8.47 -14.17 -3.50
CA GLU A 99 -7.56 -14.52 -4.61
C GLU A 99 -6.42 -13.54 -4.68
N LEU A 100 -6.59 -12.47 -3.97
CA LEU A 100 -5.69 -11.35 -4.10
C LEU A 100 -5.68 -10.46 -2.85
N VAL A 101 -4.53 -10.00 -2.39
CA VAL A 101 -4.43 -9.08 -1.34
C VAL A 101 -3.86 -7.76 -1.85
N CYS A 102 -4.48 -6.69 -1.39
CA CYS A 102 -4.20 -5.33 -1.80
C CYS A 102 -3.73 -4.53 -0.62
N ILE A 103 -2.46 -4.27 -0.49
CA ILE A 103 -1.83 -3.59 0.63
C ILE A 103 -1.75 -2.15 0.35
N HIS A 104 -2.28 -1.29 1.23
CA HIS A 104 -2.30 0.09 1.01
C HIS A 104 -1.82 0.87 2.21
N ASP A 105 -0.98 1.87 2.00
CA ASP A 105 -0.62 2.76 3.06
C ASP A 105 -1.79 3.75 3.24
N SER A 106 -2.31 3.80 4.44
CA SER A 106 -3.39 4.73 4.77
C SER A 106 -2.98 6.20 4.65
N ALA A 107 -1.68 6.46 4.71
CA ALA A 107 -1.21 7.79 4.44
C ALA A 107 -1.20 8.26 2.99
N ARG A 108 -1.78 7.39 2.10
CA ARG A 108 -2.04 7.77 0.70
C ARG A 108 -3.55 7.87 0.45
N PRO A 109 -4.13 9.02 0.82
CA PRO A 109 -5.55 9.08 0.80
C PRO A 109 -6.15 9.32 -0.59
N LEU A 110 -5.30 9.82 -1.48
CA LEU A 110 -5.76 10.35 -2.71
C LEU A 110 -5.79 9.32 -3.84
N VAL A 111 -5.47 8.09 -3.56
CA VAL A 111 -5.41 7.06 -4.63
C VAL A 111 -6.79 7.06 -5.35
N ASN A 112 -6.73 7.01 -6.67
CA ASN A 112 -7.93 7.07 -7.48
C ASN A 112 -8.49 5.69 -7.72
N THR A 113 -9.80 5.54 -7.73
CA THR A 113 -10.41 4.25 -8.03
C THR A 113 -9.87 3.65 -9.28
N GLU A 114 -9.71 4.47 -10.31
CA GLU A 114 -9.29 3.94 -11.57
C GLU A 114 -7.88 3.32 -11.50
N ASP A 115 -7.01 3.93 -10.68
CA ASP A 115 -5.66 3.40 -10.51
C ASP A 115 -5.67 2.14 -9.64
N VAL A 116 -6.54 2.07 -8.63
CA VAL A 116 -6.72 0.87 -7.85
C VAL A 116 -7.18 -0.27 -8.80
N GLU A 117 -8.14 0.04 -9.67
CA GLU A 117 -8.62 -0.97 -10.62
C GLU A 117 -7.47 -1.49 -11.47
N LYS A 118 -6.59 -0.60 -11.93
CA LYS A 118 -5.48 -1.00 -12.76
C LYS A 118 -4.54 -1.96 -12.07
N VAL A 119 -4.09 -1.58 -10.84
CA VAL A 119 -3.13 -2.42 -10.14
C VAL A 119 -3.77 -3.77 -9.70
N LEU A 120 -5.09 -3.71 -9.38
CA LEU A 120 -5.78 -4.98 -9.11
C LEU A 120 -5.76 -5.93 -10.31
N LYS A 121 -6.06 -5.36 -11.48
CA LYS A 121 -5.96 -6.19 -12.68
C LYS A 121 -4.62 -6.73 -13.01
N ASP A 122 -3.63 -5.85 -12.87
CA ASP A 122 -2.31 -6.25 -13.11
C ASP A 122 -1.79 -7.30 -12.13
N GLY A 123 -2.16 -7.12 -10.84
CA GLY A 123 -1.82 -8.03 -9.83
C GLY A 123 -2.49 -9.42 -10.12
N SER A 124 -3.75 -9.40 -10.50
CA SER A 124 -4.42 -10.64 -10.85
C SER A 124 -3.68 -11.35 -12.00
N ALA A 125 -3.32 -10.57 -13.01
CA ALA A 125 -2.70 -11.14 -14.20
C ALA A 125 -1.33 -11.65 -13.97
N VAL A 126 -0.48 -10.87 -13.29
CA VAL A 126 0.90 -11.16 -13.14
C VAL A 126 1.22 -11.96 -11.88
N GLY A 127 0.39 -11.73 -10.86
CA GLY A 127 0.61 -12.28 -9.55
C GLY A 127 1.10 -11.33 -8.50
N ALA A 128 1.77 -10.25 -8.94
CA ALA A 128 2.28 -9.19 -8.06
C ALA A 128 2.35 -7.94 -8.89
N ALA A 129 1.81 -6.85 -8.40
CA ALA A 129 1.83 -5.56 -9.11
C ALA A 129 1.85 -4.47 -8.07
N VAL A 130 2.46 -3.35 -8.40
CA VAL A 130 2.51 -2.17 -7.54
C VAL A 130 2.29 -0.97 -8.38
N LEU A 131 1.58 0.04 -7.85
CA LEU A 131 1.40 1.30 -8.52
C LEU A 131 2.68 2.10 -8.42
N GLY A 132 3.06 2.66 -9.53
CA GLY A 132 4.27 3.50 -9.55
C GLY A 132 4.16 4.60 -10.53
N VAL A 133 5.07 5.59 -10.40
CA VAL A 133 5.13 6.68 -11.35
C VAL A 133 6.58 6.93 -11.73
N PRO A 134 6.81 7.48 -12.89
CA PRO A 134 8.24 7.70 -13.23
C PRO A 134 8.86 8.74 -12.30
N ALA A 135 10.07 8.50 -11.83
CA ALA A 135 10.73 9.47 -10.99
C ALA A 135 11.12 10.69 -11.85
N LYS A 136 10.81 11.86 -11.33
CA LYS A 136 11.08 13.13 -12.05
C LYS A 136 12.52 13.63 -11.78
N ALA A 137 13.04 13.36 -10.59
CA ALA A 137 14.40 13.89 -10.21
C ALA A 137 15.44 13.03 -10.88
N THR A 138 16.65 13.52 -10.95
CA THR A 138 17.81 12.76 -11.29
C THR A 138 18.23 11.96 -10.07
N ILE A 139 18.26 10.61 -10.21
CA ILE A 139 18.47 9.67 -9.13
C ILE A 139 19.56 8.75 -9.54
N LYS A 140 20.52 8.58 -8.66
CA LYS A 140 21.62 7.68 -8.93
C LYS A 140 22.02 6.83 -7.77
N GLU A 141 22.51 5.64 -8.07
CA GLU A 141 23.17 4.85 -7.11
C GLU A 141 24.51 5.48 -6.78
N VAL A 142 24.84 5.43 -5.52
CA VAL A 142 26.08 5.96 -4.99
C VAL A 142 26.79 4.86 -4.20
N ASN A 143 28.05 4.68 -4.47
CA ASN A 143 28.81 3.67 -3.81
C ASN A 143 29.39 4.08 -2.46
N SER A 144 30.11 3.15 -1.80
CA SER A 144 30.59 3.38 -0.53
C SER A 144 31.66 4.45 -0.44
N ASP A 145 32.23 4.76 -1.58
CA ASP A 145 33.17 5.89 -1.64
C ASP A 145 32.47 7.21 -2.04
N SER A 146 31.16 7.22 -1.96
CA SER A 146 30.30 8.42 -2.31
C SER A 146 30.46 8.87 -3.72
N LEU A 147 30.72 7.97 -4.63
CA LEU A 147 30.81 8.24 -6.02
C LEU A 147 29.55 7.75 -6.72
N VAL A 148 29.16 8.45 -7.73
CA VAL A 148 28.04 8.06 -8.62
C VAL A 148 28.44 6.78 -9.30
N VAL A 149 27.53 5.81 -9.25
CA VAL A 149 27.65 4.58 -10.03
C VAL A 149 27.08 4.86 -11.40
N LYS A 150 27.93 4.89 -12.40
CA LYS A 150 27.54 5.40 -13.68
C LYS A 150 26.96 4.33 -14.54
N THR A 151 25.88 4.75 -15.21
CA THR A 151 25.19 4.03 -16.32
C THR A 151 25.14 4.82 -17.63
N LEU A 152 25.45 4.08 -18.67
CA LEU A 152 25.36 4.65 -20.00
C LEU A 152 24.00 4.25 -20.56
N ASP A 153 23.58 3.02 -20.24
CA ASP A 153 22.30 2.51 -20.66
C ASP A 153 21.09 3.34 -20.16
N ARG A 154 19.91 2.79 -20.41
CA ARG A 154 18.70 3.53 -20.20
C ARG A 154 18.04 2.91 -18.97
N LYS A 155 18.53 3.28 -17.78
CA LYS A 155 17.84 2.89 -16.51
C LYS A 155 16.69 3.89 -16.29
N THR A 156 15.41 3.46 -16.47
CA THR A 156 14.23 4.37 -16.15
C THR A 156 13.68 4.01 -14.85
N LEU A 157 13.80 4.96 -13.92
CA LEU A 157 13.46 4.73 -12.50
C LEU A 157 12.05 5.19 -12.20
N TRP A 158 11.38 4.37 -11.38
CA TRP A 158 10.02 4.64 -11.00
C TRP A 158 9.95 4.64 -9.48
N GLU A 159 9.14 5.56 -8.98
CA GLU A 159 8.82 5.67 -7.60
C GLU A 159 7.59 4.79 -7.31
N MET A 160 7.75 3.88 -6.38
CA MET A 160 6.65 2.99 -5.99
C MET A 160 5.69 3.69 -4.99
N GLN A 161 4.44 3.43 -5.22
CA GLN A 161 3.37 3.88 -4.36
C GLN A 161 2.71 2.62 -3.82
N THR A 162 1.48 2.79 -3.33
CA THR A 162 0.57 1.69 -3.03
C THR A 162 -0.76 2.07 -3.60
N PRO A 163 -1.60 1.03 -3.92
CA PRO A 163 -1.47 -0.33 -3.50
C PRO A 163 -0.30 -1.15 -4.02
N GLN A 164 0.02 -2.18 -3.28
CA GLN A 164 0.83 -3.36 -3.68
C GLN A 164 -0.09 -4.54 -3.67
N VAL A 165 -0.28 -5.19 -4.79
CA VAL A 165 -1.29 -6.23 -4.97
C VAL A 165 -0.63 -7.50 -5.24
N ILE A 166 -0.97 -8.60 -4.55
CA ILE A 166 -0.24 -9.82 -4.68
C ILE A 166 -1.16 -11.02 -4.35
N LYS A 167 -0.88 -12.13 -4.97
CA LYS A 167 -1.61 -13.37 -4.63
C LYS A 167 -1.12 -13.76 -3.22
N PRO A 168 -2.04 -14.07 -2.28
CA PRO A 168 -1.60 -14.32 -0.92
C PRO A 168 -0.54 -15.44 -0.75
N GLU A 169 -0.67 -16.47 -1.54
CA GLU A 169 0.31 -17.55 -1.51
C GLU A 169 1.71 -17.08 -1.84
N LEU A 170 1.78 -16.18 -2.82
N LEU A 170 1.81 -16.18 -2.83
CA LEU A 170 3.08 -15.66 -3.19
CA LEU A 170 3.11 -15.61 -3.19
C LEU A 170 3.65 -14.81 -2.07
C LEU A 170 3.67 -14.81 -2.04
N LEU A 171 2.84 -13.99 -1.43
CA LEU A 171 3.31 -13.18 -0.31
C LEU A 171 3.79 -14.03 0.85
N LYS A 172 2.98 -15.04 1.14
CA LYS A 172 3.34 -16.02 2.21
C LYS A 172 4.70 -16.67 1.88
N LYS A 173 4.91 -17.07 0.63
CA LYS A 173 6.17 -17.70 0.20
C LYS A 173 7.29 -16.68 0.45
N GLY A 174 7.09 -15.39 0.16
CA GLY A 174 8.11 -14.44 0.44
C GLY A 174 8.42 -14.29 1.90
N PHE A 175 7.38 -14.16 2.72
CA PHE A 175 7.66 -14.02 4.14
C PHE A 175 8.40 -15.26 4.66
N GLU A 176 8.06 -16.43 4.18
CA GLU A 176 8.71 -17.68 4.64
C GLU A 176 10.15 -17.73 4.26
N LEU A 177 10.46 -17.25 3.08
CA LEU A 177 11.83 -17.26 2.60
C LEU A 177 12.63 -16.27 3.47
N VAL A 178 12.12 -15.07 3.69
CA VAL A 178 12.82 -14.06 4.45
C VAL A 178 13.09 -14.51 5.87
N LYS A 179 12.14 -15.25 6.43
CA LYS A 179 12.32 -15.84 7.77
C LYS A 179 13.30 -17.00 7.71
N SER A 180 13.14 -17.89 6.74
CA SER A 180 13.92 -19.15 6.78
C SER A 180 15.41 -18.86 6.56
N GLU A 181 15.69 -17.81 5.79
CA GLU A 181 17.03 -17.41 5.46
C GLU A 181 17.55 -16.19 6.18
N GLY A 182 16.75 -15.57 7.06
CA GLY A 182 17.13 -14.35 7.80
C GLY A 182 17.56 -13.20 6.88
N LEU A 183 16.70 -12.85 5.91
CA LEU A 183 17.08 -11.89 4.86
C LEU A 183 16.66 -10.52 5.29
N GLU A 184 17.41 -9.53 4.86
CA GLU A 184 17.13 -8.17 5.25
C GLU A 184 15.99 -7.59 4.42
N VAL A 185 15.19 -6.74 5.03
CA VAL A 185 14.11 -6.08 4.35
C VAL A 185 14.39 -4.63 4.50
N THR A 186 14.73 -4.00 3.37
CA THR A 186 15.19 -2.61 3.42
C THR A 186 14.41 -1.55 2.64
N ASP A 187 13.45 -1.98 1.81
CA ASP A 187 12.52 -1.06 1.19
C ASP A 187 11.19 -1.82 0.98
N ASP A 188 10.21 -1.14 0.39
CA ASP A 188 8.85 -1.72 0.46
C ASP A 188 8.54 -2.81 -0.58
N VAL A 189 9.54 -3.18 -1.37
CA VAL A 189 9.43 -4.33 -2.23
C VAL A 189 10.51 -5.39 -2.00
N SER A 190 11.23 -5.35 -0.90
CA SER A 190 12.37 -6.28 -0.69
C SER A 190 11.90 -7.71 -0.68
N ILE A 191 10.73 -8.00 -0.07
CA ILE A 191 10.30 -9.40 0.04
C ILE A 191 10.10 -10.03 -1.30
N VAL A 192 9.35 -9.35 -2.16
CA VAL A 192 9.17 -9.85 -3.50
C VAL A 192 10.43 -9.87 -4.31
N GLU A 193 11.38 -8.98 -4.04
CA GLU A 193 12.63 -9.00 -4.77
C GLU A 193 13.43 -10.25 -4.59
N TYR A 194 13.29 -10.91 -3.45
CA TYR A 194 13.97 -12.19 -3.23
C TYR A 194 13.34 -13.33 -3.98
N LEU A 195 12.10 -13.19 -4.45
CA LEU A 195 11.44 -14.25 -5.19
C LEU A 195 11.74 -14.09 -6.65
N LYS A 196 11.59 -15.20 -7.41
CA LYS A 196 11.77 -15.18 -8.88
C LYS A 196 10.51 -14.77 -9.62
N HIS A 197 9.38 -14.60 -8.92
CA HIS A 197 8.18 -14.30 -9.59
C HIS A 197 8.10 -12.83 -9.94
N PRO A 198 7.66 -12.50 -11.13
CA PRO A 198 7.73 -11.10 -11.62
C PRO A 198 6.81 -10.19 -10.85
N VAL A 199 7.21 -8.92 -10.86
CA VAL A 199 6.43 -7.83 -10.21
C VAL A 199 6.13 -6.74 -11.22
N TYR A 200 4.90 -6.53 -11.55
CA TYR A 200 4.52 -5.55 -12.51
C TYR A 200 4.40 -4.17 -11.89
N VAL A 201 4.74 -3.14 -12.61
CA VAL A 201 4.55 -1.79 -12.18
C VAL A 201 3.45 -1.10 -13.01
N SER A 202 2.31 -0.87 -12.35
CA SER A 202 1.14 -0.29 -12.92
C SER A 202 1.34 1.20 -12.82
N GLN A 203 1.09 1.91 -13.91
CA GLN A 203 1.35 3.34 -13.93
C GLN A 203 0.25 4.11 -13.26
N GLY A 204 0.59 4.77 -12.14
CA GLY A 204 -0.39 5.53 -11.38
C GLY A 204 -0.30 7.01 -11.70
N SER A 205 -0.66 7.79 -10.70
N SER A 205 -0.66 7.78 -10.68
CA SER A 205 -0.82 9.21 -10.84
CA SER A 205 -0.76 9.21 -10.78
C SER A 205 0.05 9.91 -9.80
C SER A 205 0.13 9.90 -9.79
N TYR A 206 0.67 11.05 -10.17
CA TYR A 206 1.48 11.78 -9.26
C TYR A 206 0.70 12.35 -8.08
N THR A 207 -0.65 12.42 -8.17
CA THR A 207 -1.42 12.86 -7.09
C THR A 207 -1.51 11.91 -5.93
N ASN A 208 -1.08 10.64 -6.10
CA ASN A 208 -1.21 9.69 -5.03
C ASN A 208 -0.07 9.79 -4.07
N ILE A 209 0.03 10.93 -3.45
CA ILE A 209 1.08 11.22 -2.53
C ILE A 209 0.88 10.58 -1.16
N LYS A 210 1.97 10.39 -0.45
CA LYS A 210 1.98 9.90 0.91
C LYS A 210 2.07 11.13 1.80
N VAL A 211 1.19 11.19 2.78
CA VAL A 211 1.24 12.27 3.79
C VAL A 211 2.21 11.90 4.90
N THR A 212 3.41 12.51 4.81
CA THR A 212 4.45 12.32 5.79
C THR A 212 4.63 13.59 6.61
N THR A 213 4.66 14.73 5.95
CA THR A 213 5.01 15.99 6.61
C THR A 213 3.77 16.77 6.81
N PRO A 214 3.86 17.83 7.63
CA PRO A 214 2.82 18.87 7.61
C PRO A 214 2.61 19.54 6.27
N ASP A 215 3.68 19.76 5.48
N ASP A 215 3.71 19.73 5.53
CA ASP A 215 3.54 20.25 4.07
CA ASP A 215 3.68 20.20 4.15
C ASP A 215 2.53 19.41 3.31
C ASP A 215 2.69 19.40 3.27
N ASP A 216 2.61 18.11 3.52
CA ASP A 216 1.75 17.17 2.77
C ASP A 216 0.26 17.32 3.04
N LEU A 217 -0.06 17.66 4.29
CA LEU A 217 -1.44 17.87 4.65
C LEU A 217 -2.06 18.95 3.80
N LEU A 218 -1.38 20.08 3.55
CA LEU A 218 -2.02 21.08 2.69
C LEU A 218 -1.99 20.70 1.26
N LEU A 219 -0.96 19.99 0.81
CA LEU A 219 -0.94 19.58 -0.58
C LEU A 219 -2.12 18.65 -0.86
N ALA A 220 -2.33 17.74 0.08
CA ALA A 220 -3.43 16.73 -0.03
C ALA A 220 -4.74 17.46 -0.06
N GLU A 221 -4.90 18.35 0.92
CA GLU A 221 -6.12 19.13 0.94
C GLU A 221 -6.32 19.93 -0.35
N ARG A 222 -5.25 20.47 -0.88
CA ARG A 222 -5.29 21.22 -2.13
C ARG A 222 -5.57 20.39 -3.38
N ILE A 223 -5.17 19.12 -3.40
CA ILE A 223 -5.55 18.24 -4.50
C ILE A 223 -7.02 17.85 -4.44
N LEU A 224 -7.48 17.54 -3.24
CA LEU A 224 -8.90 17.23 -2.97
C LEU A 224 -9.86 18.34 -3.48
N SER A 225 -9.40 19.60 -3.46
N SER A 225 -9.41 19.59 -3.50
CA SER A 225 -10.14 20.74 -4.00
CA SER A 225 -10.24 20.71 -3.98
C SER A 225 -10.65 20.43 -5.41
C SER A 225 -10.38 20.80 -5.52
N GLU A 226 -9.77 19.85 -6.23
CA GLU A 226 -10.11 19.46 -7.63
C GLU A 226 -10.85 20.52 -8.43
O MW5 B . 7.51 -7.33 -1.09
C5 MW5 B . 6.85 -6.65 -0.23
N2 MW5 B . 7.49 -6.00 0.76
N3 MW5 B . 8.80 -5.94 1.00
C1 MW5 B . 8.89 -5.20 2.09
C4 MW5 B . 5.48 -6.55 -0.30
C3 MW5 B . 4.88 -5.73 0.67
CL MW5 B . 3.19 -5.48 0.58
N4 MW5 B . 5.52 -5.06 1.62
C2 MW5 B . 6.85 -5.17 1.66
N1 MW5 B . 7.71 -4.66 2.49
C6 MW5 B . 4.63 -7.27 -1.30
C7 MW5 B . 4.48 -6.68 -2.69
C12 MW5 B . 5.50 -5.95 -3.32
C11 MW5 B . 5.32 -5.43 -4.58
C10 MW5 B . 4.19 -5.71 -5.30
C9 MW5 B . 3.19 -6.47 -4.67
C8 MW5 B . 3.35 -6.91 -3.39
NA NA C . -18.72 9.78 13.48
CU CU D . 5.94 14.86 1.17
CU CU E . -17.17 -4.64 14.16
NA NA F . -18.51 9.94 13.73
CD CD G . 15.14 -3.42 -2.84
CD CD H . -14.22 -2.72 -10.93
CD CD I . -7.01 -13.62 13.80
#